data_4E9K
#
_entry.id   4E9K
#
_cell.length_a   93.156
_cell.length_b   93.156
_cell.length_c   103.109
_cell.angle_alpha   90.000
_cell.angle_beta   90.000
_cell.angle_gamma   90.000
#
_symmetry.space_group_name_H-M   'P 41 2 2'
#
loop_
_entity.id
_entity.type
_entity.pdbx_description
1 polymer 'hypothetical protein'
2 non-polymer 'SULFATE ION'
3 water water
#
_entity_poly.entity_id   1
_entity_poly.type   'polypeptide(L)'
_entity_poly.pdbx_seq_one_letter_code
;GDDTKTYILSLPNYETHTLD(MSE)GDQENPDDSWSVSSEWGTTNYKYNLLTDASGIFEFDCVSSTYGFYSDSFAFTNCT
VEDCPDFASYDYRAITKKGVINNTYVIVGAAGYKIGKNSDKEAAIRFRDHDNPNELEDYRVKGLYVTNSVYAYSS(MSE)
KEGTGYYGEEEIFGSNDSFKLTIYNYDKT(MSE)HVDCYLAEGTNLLDQWKWVDLTSLGETKGLKFSLTSTKKNEYGPLT
PTYFCLDGITIED
;
_entity_poly.pdbx_strand_id   A
#
loop_
_chem_comp.id
_chem_comp.type
_chem_comp.name
_chem_comp.formula
SO4 non-polymer 'SULFATE ION' 'O4 S -2'
#
# COMPACT_ATOMS: atom_id res chain seq x y z
N ASP A 2 21.09 3.40 27.42
CA ASP A 2 20.79 3.30 25.97
C ASP A 2 19.93 4.50 25.51
N ASP A 3 20.21 5.02 24.31
CA ASP A 3 19.30 5.98 23.65
C ASP A 3 19.13 5.69 22.14
N THR A 4 18.94 4.43 21.80
CA THR A 4 18.28 4.05 20.55
C THR A 4 16.85 4.52 20.59
N LYS A 5 16.38 5.19 19.55
CA LYS A 5 15.00 5.63 19.56
C LYS A 5 14.18 4.80 18.59
N THR A 6 12.95 4.48 18.98
CA THR A 6 12.00 3.71 18.16
C THR A 6 10.86 4.61 17.71
N TYR A 7 10.50 4.55 16.45
CA TYR A 7 9.47 5.44 15.90
C TYR A 7 8.43 4.57 15.23
N ILE A 8 7.15 4.84 15.52
CA ILE A 8 6.06 4.00 15.03
C ILE A 8 5.19 4.89 14.21
N LEU A 9 4.73 4.40 13.07
CA LEU A 9 3.86 5.17 12.20
C LEU A 9 2.69 5.74 13.03
N SER A 10 2.42 7.02 12.85
CA SER A 10 1.31 7.69 13.53
C SER A 10 0.48 8.46 12.49
N LEU A 11 -0.64 7.89 12.09
CA LEU A 11 -1.46 8.42 11.03
C LEU A 11 -2.32 9.53 11.57
N PRO A 12 -2.81 10.42 10.70
CA PRO A 12 -3.73 11.46 11.19
C PRO A 12 -5.02 10.87 11.67
N ASN A 13 -5.66 11.53 12.63
CA ASN A 13 -7.04 11.23 12.97
C ASN A 13 -7.98 12.11 12.15
N TYR A 14 -8.92 11.48 11.49
CA TYR A 14 -9.70 12.17 10.48
C TYR A 14 -11.07 12.59 11.02
N GLU A 15 -11.53 13.75 10.54
CA GLU A 15 -12.80 14.31 11.01
C GLU A 15 -13.93 13.27 10.94
N THR A 16 -14.37 12.91 9.73
CA THR A 16 -15.21 11.71 9.60
C THR A 16 -14.45 10.75 8.67
N HIS A 17 -15.13 10.12 7.72
CA HIS A 17 -14.63 8.94 7.08
C HIS A 17 -14.02 9.31 5.76
N THR A 18 -12.69 9.27 5.69
CA THR A 18 -11.95 9.79 4.55
C THR A 18 -11.11 8.73 3.90
N LEU A 19 -10.93 8.86 2.59
CA LEU A 19 -9.81 8.31 1.88
C LEU A 19 -8.88 9.51 1.59
N ASP A 20 -7.70 9.53 2.18
CA ASP A 20 -6.77 10.65 2.01
C ASP A 20 -5.70 10.28 0.99
N MSE A 21 -5.80 10.92 -0.18
CA MSE A 21 -4.81 10.83 -1.26
C MSE A 21 -4.10 12.19 -1.40
O MSE A 21 -3.54 12.56 -2.46
CB MSE A 21 -5.50 10.40 -2.57
CG MSE A 21 -6.06 9.02 -2.49
SE MSE A 21 -6.83 8.35 -4.13
CE MSE A 21 -8.26 9.65 -4.29
N GLY A 22 -4.12 12.97 -0.33
CA GLY A 22 -3.54 14.28 -0.34
C GLY A 22 -4.49 15.22 -1.07
N ASP A 23 -4.13 16.49 -1.00
CA ASP A 23 -4.89 17.57 -1.60
C ASP A 23 -5.04 17.36 -3.10
N GLN A 24 -6.28 17.27 -3.51
CA GLN A 24 -6.62 17.09 -4.92
C GLN A 24 -6.79 18.42 -5.66
N GLU A 25 -7.20 19.47 -4.93
CA GLU A 25 -7.32 20.76 -5.57
CA GLU A 25 -7.33 20.84 -5.44
C GLU A 25 -5.93 21.34 -5.80
N ASN A 26 -5.00 21.15 -4.89
CA ASN A 26 -3.63 21.67 -5.02
C ASN A 26 -2.57 20.60 -4.79
N PRO A 27 -2.48 19.61 -5.70
CA PRO A 27 -1.56 18.50 -5.51
C PRO A 27 -0.11 18.94 -5.69
N ASP A 28 0.82 18.16 -5.14
CA ASP A 28 2.23 18.46 -5.28
C ASP A 28 2.58 18.47 -6.74
N ASP A 29 2.00 17.57 -7.51
CA ASP A 29 2.29 17.52 -8.93
C ASP A 29 1.12 16.91 -9.69
N SER A 30 1.09 17.11 -11.00
CA SER A 30 0.08 16.51 -11.83
C SER A 30 0.54 16.42 -13.26
N TRP A 31 -0.05 15.53 -14.04
CA TRP A 31 0.30 15.41 -15.47
C TRP A 31 -0.75 14.62 -16.18
N SER A 32 -0.61 14.49 -17.49
CA SER A 32 -1.53 13.72 -18.29
C SER A 32 -0.79 12.85 -19.21
N VAL A 33 -1.34 11.68 -19.50
CA VAL A 33 -0.77 10.75 -20.45
C VAL A 33 -1.83 10.49 -21.50
N SER A 34 -1.52 10.68 -22.78
CA SER A 34 -2.42 10.14 -23.80
C SER A 34 -1.77 9.07 -24.63
N SER A 35 -2.58 8.10 -25.01
CA SER A 35 -2.18 6.98 -25.85
C SER A 35 -3.29 6.81 -26.86
N GLU A 36 -3.19 5.77 -27.66
CA GLU A 36 -4.21 5.44 -28.62
C GLU A 36 -5.53 5.03 -27.99
N TRP A 37 -5.48 4.62 -26.72
CA TRP A 37 -6.65 4.20 -25.97
C TRP A 37 -7.36 5.24 -25.11
N GLY A 38 -6.78 6.41 -24.95
CA GLY A 38 -7.41 7.45 -24.16
C GLY A 38 -6.41 8.42 -23.60
N THR A 39 -6.93 9.41 -22.90
CA THR A 39 -6.07 10.36 -22.23
C THR A 39 -6.47 10.32 -20.75
N THR A 40 -5.50 10.22 -19.86
CA THR A 40 -5.72 10.06 -18.44
C THR A 40 -4.97 11.12 -17.63
N ASN A 41 -5.62 11.62 -16.60
CA ASN A 41 -5.05 12.66 -15.76
C ASN A 41 -4.66 12.10 -14.42
N TYR A 42 -3.49 12.52 -13.96
CA TYR A 42 -2.87 12.02 -12.76
C TYR A 42 -2.56 13.18 -11.78
N LYS A 43 -2.63 12.87 -10.51
CA LYS A 43 -2.21 13.78 -9.48
C LYS A 43 -1.34 13.00 -8.49
N TYR A 44 -0.29 13.67 -8.02
CA TYR A 44 0.69 13.10 -7.11
C TYR A 44 0.82 13.96 -5.87
N ASN A 45 0.78 13.32 -4.70
CA ASN A 45 1.09 13.96 -3.43
C ASN A 45 2.03 13.07 -2.64
N LEU A 46 3.03 13.67 -1.99
CA LEU A 46 3.86 12.95 -1.04
C LEU A 46 3.16 13.03 0.30
N LEU A 47 2.55 11.96 0.74
CA LEU A 47 1.87 11.98 2.01
C LEU A 47 2.88 11.84 3.14
N THR A 48 2.61 12.46 4.28
CA THR A 48 3.41 12.26 5.47
C THR A 48 2.49 11.88 6.64
N ASP A 49 3.02 11.15 7.60
CA ASP A 49 2.23 10.82 8.77
C ASP A 49 2.23 12.03 9.74
N ALA A 50 1.46 11.94 10.81
CA ALA A 50 1.39 12.95 11.87
C ALA A 50 2.76 13.21 12.51
N SER A 51 3.55 12.16 12.70
CA SER A 51 4.87 12.31 13.34
C SER A 51 5.90 12.96 12.44
N GLY A 52 5.68 12.96 11.14
CA GLY A 52 6.66 13.51 10.21
C GLY A 52 7.84 12.62 9.91
N ILE A 53 7.81 11.38 10.37
CA ILE A 53 8.92 10.45 10.16
C ILE A 53 8.76 9.72 8.82
N PHE A 54 7.52 9.47 8.42
CA PHE A 54 7.19 8.59 7.30
C PHE A 54 6.55 9.35 6.17
N GLU A 55 7.00 9.09 4.96
CA GLU A 55 6.43 9.65 3.80
C GLU A 55 6.07 8.56 2.84
N PHE A 56 5.05 8.84 2.01
CA PHE A 56 4.45 7.86 1.10
C PHE A 56 4.11 8.51 -0.24
N ASP A 57 4.44 7.85 -1.32
CA ASP A 57 4.08 8.29 -2.65
C ASP A 57 2.62 7.98 -2.96
N CYS A 58 1.83 9.01 -3.29
CA CYS A 58 0.42 8.84 -3.61
C CYS A 58 0.03 9.41 -4.97
N VAL A 59 -0.18 8.50 -5.91
CA VAL A 59 -0.69 8.82 -7.22
C VAL A 59 -2.17 8.47 -7.28
N SER A 60 -2.93 9.39 -7.82
CA SER A 60 -4.36 9.21 -8.06
C SER A 60 -4.60 9.61 -9.51
N SER A 61 -5.74 9.26 -10.06
CA SER A 61 -6.00 9.64 -11.44
C SER A 61 -7.46 9.82 -11.69
N THR A 62 -7.78 10.17 -12.93
CA THR A 62 -9.15 10.09 -13.42
C THR A 62 -9.92 8.94 -12.78
N TYR A 63 -9.31 7.79 -12.71
CA TYR A 63 -9.97 6.60 -12.26
C TYR A 63 -9.79 6.25 -10.77
N GLY A 64 -9.34 7.19 -9.96
CA GLY A 64 -9.23 6.96 -8.53
C GLY A 64 -7.82 6.60 -8.11
N PHE A 65 -7.71 5.77 -7.09
CA PHE A 65 -6.44 5.32 -6.55
C PHE A 65 -5.70 4.53 -7.59
N TYR A 66 -4.47 4.92 -7.85
CA TYR A 66 -3.65 4.30 -8.85
C TYR A 66 -3.08 2.95 -8.34
N SER A 67 -2.55 2.17 -9.28
CA SER A 67 -2.16 0.78 -9.07
C SER A 67 -0.91 0.65 -8.24
N ASP A 68 -0.11 1.71 -8.25
CA ASP A 68 1.15 1.75 -7.50
C ASP A 68 1.18 3.04 -6.75
N SER A 69 0.70 2.96 -5.51
CA SER A 69 0.39 4.12 -4.75
C SER A 69 0.13 3.73 -3.29
N PHE A 70 0.13 4.72 -2.41
CA PHE A 70 -0.23 4.56 -1.03
C PHE A 70 -1.25 5.63 -0.69
N ALA A 71 -2.19 5.32 0.18
CA ALA A 71 -3.14 6.32 0.68
C ALA A 71 -3.53 5.93 2.12
N PHE A 72 -4.08 6.88 2.85
CA PHE A 72 -4.54 6.63 4.21
C PHE A 72 -6.06 6.58 4.23
N THR A 73 -6.64 5.75 5.10
CA THR A 73 -8.08 5.73 5.29
C THR A 73 -8.48 5.25 6.67
N ASN A 74 -9.58 5.81 7.14
CA ASN A 74 -10.31 5.26 8.27
C ASN A 74 -11.73 4.94 7.84
N CYS A 75 -11.98 4.92 6.53
CA CYS A 75 -13.36 4.80 6.07
C CYS A 75 -13.80 3.43 6.53
N THR A 76 -14.77 3.49 7.43
CA THR A 76 -15.41 2.34 8.00
C THR A 76 -16.82 2.27 7.42
N VAL A 77 -17.47 3.45 7.34
CA VAL A 77 -18.75 3.64 6.65
C VAL A 77 -18.74 2.77 5.40
N GLU A 78 -19.69 1.84 5.35
CA GLU A 78 -19.81 0.91 4.23
C GLU A 78 -19.95 1.71 2.92
N ASP A 79 -20.46 2.94 2.99
CA ASP A 79 -20.63 3.80 1.83
C ASP A 79 -19.91 5.13 1.90
N CYS A 80 -18.59 5.11 1.76
CA CYS A 80 -17.91 6.18 1.08
C CYS A 80 -18.21 5.73 -0.37
N PRO A 81 -18.55 6.67 -1.29
CA PRO A 81 -18.52 6.28 -2.70
C PRO A 81 -17.09 6.00 -3.20
N ASP A 82 -16.10 6.43 -2.42
CA ASP A 82 -14.67 6.09 -2.61
C ASP A 82 -14.35 4.61 -2.85
N PHE A 83 -15.16 3.75 -2.24
CA PHE A 83 -14.97 2.30 -2.29
C PHE A 83 -16.12 1.60 -2.98
N ALA A 84 -16.99 2.39 -3.64
CA ALA A 84 -18.14 1.85 -4.38
C ALA A 84 -17.66 0.82 -5.40
N SER A 85 -16.70 1.21 -6.23
CA SER A 85 -16.16 0.34 -7.26
C SER A 85 -15.21 -0.73 -6.70
N TYR A 86 -14.22 -0.31 -5.92
CA TYR A 86 -13.17 -1.22 -5.47
C TYR A 86 -12.89 -0.97 -3.98
N ASP A 87 -13.03 -2.01 -3.17
CA ASP A 87 -13.06 -1.80 -1.74
C ASP A 87 -11.66 -2.02 -1.17
N TYR A 88 -10.88 -0.94 -1.12
CA TYR A 88 -9.48 -1.02 -0.75
C TYR A 88 -9.28 -1.16 0.76
N ARG A 89 -10.38 -1.07 1.49
CA ARG A 89 -10.32 -1.19 2.94
C ARG A 89 -9.78 -2.50 3.46
N ALA A 90 -9.24 -2.43 4.67
CA ALA A 90 -8.74 -3.59 5.38
C ALA A 90 -9.87 -4.60 5.71
N ILE A 91 -9.58 -5.88 5.51
CA ILE A 91 -10.50 -6.90 5.88
C ILE A 91 -10.70 -6.88 7.39
N THR A 92 -9.70 -6.43 8.13
CA THR A 92 -9.84 -6.25 9.57
C THR A 92 -10.74 -5.08 9.95
N LYS A 93 -11.07 -4.23 8.98
CA LYS A 93 -11.93 -3.07 9.19
C LYS A 93 -11.39 -1.96 10.06
N LYS A 94 -10.29 -2.17 10.74
CA LYS A 94 -9.59 -1.05 11.36
C LYS A 94 -8.10 -1.33 11.43
N GLY A 95 -7.33 -0.34 11.86
CA GLY A 95 -5.91 -0.51 12.10
C GLY A 95 -5.61 -1.32 13.34
N VAL A 96 -4.32 -1.47 13.60
CA VAL A 96 -3.81 -2.31 14.71
C VAL A 96 -4.12 -1.64 16.05
N ILE A 97 -3.99 -0.33 16.05
CA ILE A 97 -4.07 0.41 17.29
C ILE A 97 -5.19 1.42 17.24
N ASN A 98 -5.65 1.80 16.05
CA ASN A 98 -6.86 2.60 15.93
C ASN A 98 -7.48 2.45 14.54
N ASN A 99 -8.29 3.41 14.14
CA ASN A 99 -9.10 3.27 12.93
C ASN A 99 -8.44 3.58 11.63
N THR A 100 -7.31 4.28 11.63
CA THR A 100 -6.66 4.60 10.38
C THR A 100 -5.58 3.56 10.09
N TYR A 101 -5.43 3.27 8.79
CA TYR A 101 -4.35 2.44 8.28
C TYR A 101 -4.00 2.92 6.85
N VAL A 102 -3.05 2.23 6.20
CA VAL A 102 -2.57 2.59 4.86
C VAL A 102 -3.11 1.58 3.87
N ILE A 103 -3.64 2.05 2.74
CA ILE A 103 -3.99 1.17 1.63
C ILE A 103 -2.88 1.26 0.61
N VAL A 104 -2.58 0.14 -0.04
CA VAL A 104 -1.42 0.08 -0.89
C VAL A 104 -1.79 -0.59 -2.17
N GLY A 105 -1.42 0.03 -3.28
CA GLY A 105 -1.44 -0.59 -4.57
C GLY A 105 -0.02 -0.95 -4.92
N ALA A 106 0.22 -2.19 -5.32
CA ALA A 106 1.57 -2.60 -5.73
C ALA A 106 1.41 -3.52 -6.92
N ALA A 107 1.00 -2.97 -8.07
CA ALA A 107 0.87 -3.75 -9.32
C ALA A 107 2.22 -3.87 -10.04
N GLY A 108 3.14 -2.95 -9.77
CA GLY A 108 4.45 -2.98 -10.40
C GLY A 108 4.63 -1.98 -11.50
N TYR A 109 3.67 -1.13 -11.78
CA TYR A 109 3.91 -0.02 -12.70
C TYR A 109 4.65 1.07 -11.96
N LYS A 110 5.33 1.90 -12.74
CA LYS A 110 6.00 3.07 -12.23
C LYS A 110 5.10 4.31 -12.26
N ILE A 111 5.58 5.30 -11.50
CA ILE A 111 4.91 6.57 -11.30
C ILE A 111 5.84 7.64 -11.86
N GLY A 112 5.29 8.85 -11.92
CA GLY A 112 6.04 10.01 -12.37
C GLY A 112 5.80 10.25 -13.83
N LYS A 113 5.72 11.52 -14.25
CA LYS A 113 5.37 11.88 -15.64
C LYS A 113 6.10 10.97 -16.65
N ASN A 114 7.34 10.59 -16.40
CA ASN A 114 8.14 9.73 -17.32
C ASN A 114 8.21 8.24 -16.97
N SER A 115 7.35 7.75 -16.08
CA SER A 115 7.36 6.35 -15.67
C SER A 115 8.77 5.83 -15.31
N ASP A 116 9.49 6.55 -14.44
CA ASP A 116 10.87 6.17 -14.10
C ASP A 116 11.15 6.10 -12.60
N LYS A 117 10.13 6.19 -11.77
CA LYS A 117 10.28 6.31 -10.34
C LYS A 117 9.45 5.14 -9.78
N GLU A 118 9.86 4.51 -8.69
CA GLU A 118 9.00 3.51 -8.03
C GLU A 118 8.33 4.03 -6.75
N ALA A 119 7.05 3.72 -6.60
CA ALA A 119 6.29 4.14 -5.46
C ALA A 119 6.92 3.51 -4.22
N ALA A 120 7.08 4.31 -3.19
CA ALA A 120 7.81 3.86 -2.03
C ALA A 120 7.33 4.56 -0.80
N ILE A 121 7.69 3.99 0.34
CA ILE A 121 7.64 4.64 1.65
C ILE A 121 9.06 5.05 1.97
N ARG A 122 9.26 6.21 2.56
CA ARG A 122 10.59 6.62 2.94
C ARG A 122 10.62 7.22 4.31
N PHE A 123 11.80 7.18 4.91
CA PHE A 123 11.97 7.63 6.28
C PHE A 123 12.80 8.87 6.40
N ARG A 124 12.32 9.81 7.20
CA ARG A 124 13.01 11.05 7.42
C ARG A 124 13.61 11.10 8.82
N ASP A 125 14.59 11.98 8.97
CA ASP A 125 15.23 12.22 10.21
C ASP A 125 14.22 12.85 11.16
N HIS A 126 14.22 12.39 12.41
CA HIS A 126 13.36 12.95 13.46
C HIS A 126 13.58 14.40 13.67
N ASP A 127 14.85 14.82 13.58
CA ASP A 127 15.20 16.22 13.82
C ASP A 127 15.07 17.11 12.62
N ASN A 128 14.91 16.53 11.44
CA ASN A 128 14.80 17.32 10.21
C ASN A 128 14.00 16.59 9.20
N PRO A 129 12.74 16.99 9.02
CA PRO A 129 11.90 16.24 8.08
C PRO A 129 12.36 16.38 6.63
N ASN A 130 13.36 17.23 6.38
CA ASN A 130 13.82 17.51 5.03
C ASN A 130 15.06 16.68 4.63
N GLU A 131 15.38 15.68 5.43
CA GLU A 131 16.45 14.78 5.12
C GLU A 131 15.94 13.34 5.34
N LEU A 132 16.17 12.47 4.37
CA LEU A 132 15.96 11.04 4.55
C LEU A 132 17.07 10.50 5.46
N GLU A 133 16.74 9.46 6.21
CA GLU A 133 17.67 8.83 7.12
C GLU A 133 17.54 7.31 7.03
N ASP A 134 18.66 6.60 7.10
CA ASP A 134 18.63 5.15 7.13
C ASP A 134 18.16 4.74 8.50
N TYR A 135 17.19 3.84 8.56
CA TYR A 135 16.87 3.22 9.84
C TYR A 135 16.94 1.69 9.73
N ARG A 136 17.01 1.06 10.88
CA ARG A 136 16.69 -0.34 11.05
C ARG A 136 15.16 -0.45 11.09
N VAL A 137 14.60 -1.28 10.21
CA VAL A 137 13.17 -1.45 10.17
C VAL A 137 12.78 -2.69 10.97
N LYS A 138 12.12 -2.51 12.09
CA LYS A 138 11.77 -3.68 12.93
C LYS A 138 10.76 -4.54 12.19
N GLY A 139 9.76 -3.86 11.62
CA GLY A 139 8.74 -4.52 10.86
C GLY A 139 7.51 -3.64 10.72
N LEU A 140 6.45 -4.23 10.17
CA LEU A 140 5.15 -3.61 10.06
C LEU A 140 4.08 -4.70 10.04
N TYR A 141 2.82 -4.30 10.14
CA TYR A 141 1.69 -5.22 10.01
C TYR A 141 1.08 -5.06 8.62
N VAL A 142 0.64 -6.18 8.04
CA VAL A 142 -0.06 -6.20 6.77
C VAL A 142 -1.34 -6.98 6.93
N THR A 143 -2.33 -6.69 6.09
CA THR A 143 -3.51 -7.55 5.95
C THR A 143 -4.11 -7.37 4.58
N ASN A 144 -5.10 -8.19 4.24
CA ASN A 144 -5.71 -8.09 2.93
C ASN A 144 -6.69 -6.93 2.86
N SER A 145 -6.91 -6.46 1.64
CA SER A 145 -8.00 -5.57 1.33
C SER A 145 -9.23 -6.41 1.14
N VAL A 146 -10.41 -5.85 1.39
CA VAL A 146 -11.67 -6.49 1.06
C VAL A 146 -11.68 -6.87 -0.43
N TYR A 147 -11.20 -5.97 -1.25
CA TYR A 147 -11.13 -6.20 -2.67
C TYR A 147 -10.37 -7.50 -3.02
N ALA A 148 -9.16 -7.66 -2.51
CA ALA A 148 -8.40 -8.86 -2.83
C ALA A 148 -8.94 -10.10 -2.10
N TYR A 149 -9.37 -9.94 -0.86
CA TYR A 149 -9.84 -11.07 -0.06
C TYR A 149 -11.04 -11.67 -0.78
N SER A 150 -11.96 -10.79 -1.13
CA SER A 150 -13.18 -11.20 -1.80
C SER A 150 -12.93 -11.85 -3.17
N SER A 151 -11.93 -11.38 -3.89
CA SER A 151 -11.57 -12.03 -5.16
C SER A 151 -11.11 -13.46 -4.89
N MSE A 152 -10.17 -13.60 -3.98
CA MSE A 152 -9.63 -14.91 -3.62
C MSE A 152 -10.68 -15.86 -2.99
O MSE A 152 -10.60 -17.08 -3.16
CB MSE A 152 -8.43 -14.77 -2.68
CG MSE A 152 -7.27 -14.06 -3.29
SE MSE A 152 -5.79 -14.01 -2.05
CE MSE A 152 -6.46 -12.68 -0.82
N LYS A 153 -11.67 -15.33 -2.29
CA LYS A 153 -12.71 -16.15 -1.72
C LYS A 153 -13.87 -16.42 -2.68
N GLU A 154 -14.35 -15.40 -3.37
CA GLU A 154 -15.57 -15.54 -4.19
C GLU A 154 -15.57 -15.06 -5.63
N GLY A 155 -14.41 -14.74 -6.20
CA GLY A 155 -14.36 -14.35 -7.61
C GLY A 155 -15.22 -13.15 -7.94
N THR A 156 -15.20 -12.14 -7.06
CA THR A 156 -16.05 -10.96 -7.22
C THR A 156 -15.38 -9.87 -8.04
N GLY A 157 -14.17 -10.11 -8.53
CA GLY A 157 -13.47 -9.12 -9.36
C GLY A 157 -13.86 -9.23 -10.82
N TYR A 158 -13.12 -8.56 -11.69
CA TYR A 158 -13.40 -8.50 -13.13
C TYR A 158 -13.46 -9.88 -13.79
N TYR A 159 -12.58 -10.79 -13.41
CA TYR A 159 -12.48 -12.07 -14.09
C TYR A 159 -13.39 -13.14 -13.52
N GLY A 160 -13.98 -12.89 -12.36
CA GLY A 160 -14.98 -13.82 -11.85
C GLY A 160 -14.43 -15.09 -11.24
N GLU A 161 -15.06 -16.21 -11.55
CA GLU A 161 -14.88 -17.47 -10.84
C GLU A 161 -13.44 -18.08 -10.77
N GLU A 162 -12.58 -17.86 -11.78
CA GLU A 162 -11.24 -18.50 -11.70
C GLU A 162 -10.26 -17.69 -10.85
N GLU A 163 -10.73 -16.57 -10.27
CA GLU A 163 -9.99 -15.88 -9.21
C GLU A 163 -9.96 -16.71 -7.95
N ILE A 164 -10.94 -17.61 -7.76
CA ILE A 164 -11.11 -18.29 -6.44
C ILE A 164 -9.93 -19.20 -6.12
N PHE A 165 -9.39 -19.05 -4.92
CA PHE A 165 -8.18 -19.78 -4.56
C PHE A 165 -8.56 -21.18 -4.17
N GLY A 166 -7.79 -22.13 -4.63
CA GLY A 166 -7.80 -23.52 -4.13
C GLY A 166 -6.54 -23.79 -3.32
N SER A 167 -6.27 -25.03 -2.98
CA SER A 167 -5.13 -25.32 -2.10
C SER A 167 -3.75 -25.26 -2.80
N ASN A 168 -3.72 -25.19 -4.12
CA ASN A 168 -2.45 -24.97 -4.80
C ASN A 168 -2.05 -23.50 -4.80
N ASP A 169 -2.98 -22.62 -4.46
CA ASP A 169 -2.75 -21.22 -4.71
C ASP A 169 -2.06 -20.51 -3.57
N SER A 170 -1.55 -19.31 -3.87
CA SER A 170 -0.99 -18.44 -2.87
C SER A 170 -0.82 -17.01 -3.37
N PHE A 171 -0.82 -16.08 -2.40
CA PHE A 171 -0.70 -14.66 -2.66
C PHE A 171 0.45 -14.19 -1.77
N LYS A 172 1.55 -13.79 -2.42
CA LYS A 172 2.80 -13.45 -1.73
C LYS A 172 3.10 -11.97 -1.86
N LEU A 173 3.33 -11.33 -0.72
CA LEU A 173 3.84 -9.97 -0.66
C LEU A 173 5.37 -10.04 -0.47
N THR A 174 6.12 -9.31 -1.28
CA THR A 174 7.56 -9.14 -1.09
C THR A 174 7.81 -7.70 -0.69
N ILE A 175 8.51 -7.51 0.43
CA ILE A 175 8.82 -6.19 0.94
C ILE A 175 10.30 -6.00 0.71
N TYR A 176 10.67 -4.95 -0.01
CA TYR A 176 12.06 -4.64 -0.30
C TYR A 176 12.58 -3.47 0.49
N ASN A 177 13.90 -3.41 0.66
CA ASN A 177 14.50 -2.18 1.13
C ASN A 177 14.51 -1.17 -0.02
N TYR A 178 14.96 0.04 0.27
CA TYR A 178 14.75 1.10 -0.69
C TYR A 178 15.41 0.80 -2.02
N ASP A 179 16.65 0.34 -2.00
CA ASP A 179 17.36 0.06 -3.25
C ASP A 179 17.15 -1.39 -3.74
N LYS A 180 16.27 -2.12 -3.08
CA LYS A 180 15.85 -3.46 -3.51
C LYS A 180 16.93 -4.53 -3.53
N THR A 181 18.04 -4.30 -2.82
CA THR A 181 19.09 -5.30 -2.70
C THR A 181 18.78 -6.29 -1.57
N MSE A 182 17.72 -6.08 -0.83
CA MSE A 182 17.27 -7.03 0.17
C MSE A 182 15.74 -7.10 0.10
O MSE A 182 15.10 -6.12 -0.27
CB MSE A 182 17.69 -6.59 1.56
CG MSE A 182 19.17 -6.30 1.74
SE MSE A 182 20.17 -7.94 1.87
CE MSE A 182 20.49 -8.06 3.85
N HIS A 183 15.17 -8.24 0.45
CA HIS A 183 13.73 -8.33 0.60
C HIS A 183 13.35 -9.40 1.56
N VAL A 184 12.10 -9.34 2.02
CA VAL A 184 11.48 -10.33 2.87
C VAL A 184 10.19 -10.73 2.20
N ASP A 185 9.92 -12.03 2.15
CA ASP A 185 8.65 -12.55 1.62
C ASP A 185 7.60 -12.81 2.72
N CYS A 186 6.33 -12.61 2.42
CA CYS A 186 5.23 -12.84 3.36
CA CYS A 186 5.28 -13.00 3.35
C CYS A 186 4.01 -13.35 2.59
N TYR A 187 3.19 -14.20 3.18
CA TYR A 187 1.97 -14.65 2.50
C TYR A 187 0.76 -13.93 2.99
N LEU A 188 -0.02 -13.41 2.06
CA LEU A 188 -1.34 -12.87 2.36
C LEU A 188 -2.40 -13.98 2.25
N ALA A 189 -2.04 -15.09 1.62
CA ALA A 189 -2.94 -16.21 1.40
C ALA A 189 -2.10 -17.44 1.04
N GLU A 190 -2.47 -18.57 1.64
CA GLU A 190 -1.89 -19.87 1.30
C GLU A 190 -3.03 -20.82 1.19
N GLY A 191 -3.16 -21.43 0.04
CA GLY A 191 -4.31 -22.25 -0.24
C GLY A 191 -5.58 -21.44 -0.05
N THR A 192 -6.56 -22.04 0.61
CA THR A 192 -7.85 -21.40 0.82
C THR A 192 -7.87 -20.59 2.14
N ASN A 193 -6.74 -20.60 2.86
CA ASN A 193 -6.55 -19.79 4.06
C ASN A 193 -6.06 -18.39 3.69
N LEU A 194 -6.96 -17.43 3.86
CA LEU A 194 -6.77 -16.07 3.42
C LEU A 194 -6.57 -15.23 4.67
N LEU A 195 -5.49 -14.45 4.77
CA LEU A 195 -5.25 -13.65 5.97
C LEU A 195 -6.43 -12.71 6.21
N ASP A 196 -6.98 -12.73 7.43
CA ASP A 196 -8.05 -11.84 7.82
C ASP A 196 -7.74 -11.11 9.13
N GLN A 197 -6.48 -11.16 9.53
CA GLN A 197 -6.01 -10.43 10.67
C GLN A 197 -4.84 -9.58 10.27
N TRP A 198 -4.40 -8.75 11.21
CA TRP A 198 -3.15 -8.10 11.10
C TRP A 198 -2.03 -9.05 11.38
N LYS A 199 -1.04 -9.07 10.50
CA LYS A 199 0.08 -9.99 10.55
C LYS A 199 1.36 -9.16 10.59
N TRP A 200 2.22 -9.43 11.58
CA TRP A 200 3.49 -8.77 11.69
C TRP A 200 4.53 -9.41 10.83
N VAL A 201 5.22 -8.58 10.04
CA VAL A 201 6.34 -9.05 9.23
C VAL A 201 7.64 -8.45 9.79
N ASP A 202 8.57 -9.31 10.21
CA ASP A 202 9.86 -8.90 10.76
C ASP A 202 10.70 -8.46 9.57
N LEU A 203 11.15 -7.21 9.56
CA LEU A 203 11.89 -6.67 8.43
C LEU A 203 13.32 -6.33 8.85
N THR A 204 13.75 -6.86 9.99
CA THR A 204 15.09 -6.57 10.49
C THR A 204 16.15 -7.10 9.50
N SER A 205 15.85 -8.17 8.76
CA SER A 205 16.82 -8.75 7.83
C SER A 205 17.06 -7.85 6.62
N LEU A 206 16.26 -6.80 6.46
CA LEU A 206 16.50 -5.83 5.40
C LEU A 206 17.73 -4.97 5.67
N GLY A 207 18.23 -4.94 6.90
CA GLY A 207 19.33 -4.03 7.22
C GLY A 207 18.86 -2.57 7.29
N GLU A 208 19.82 -1.64 7.43
CA GLU A 208 19.57 -0.21 7.51
C GLU A 208 19.03 0.22 6.16
N THR A 209 17.98 1.01 6.11
CA THR A 209 17.49 1.48 4.82
C THR A 209 16.69 2.74 5.02
N LYS A 210 16.67 3.59 4.00
CA LYS A 210 15.86 4.81 4.04
C LYS A 210 14.44 4.62 3.54
N GLY A 211 14.05 3.40 3.20
CA GLY A 211 12.65 3.19 2.78
C GLY A 211 12.27 1.78 2.41
N LEU A 212 11.07 1.63 1.86
CA LEU A 212 10.50 0.32 1.57
C LEU A 212 9.75 0.37 0.26
N LYS A 213 9.82 -0.72 -0.50
CA LYS A 213 8.99 -0.93 -1.67
C LYS A 213 8.35 -2.34 -1.60
N PHE A 214 7.35 -2.58 -2.44
CA PHE A 214 6.51 -3.75 -2.29
C PHE A 214 6.15 -4.37 -3.65
N SER A 215 6.03 -5.70 -3.71
CA SER A 215 5.51 -6.40 -4.88
C SER A 215 4.53 -7.45 -4.43
N LEU A 216 3.65 -7.84 -5.34
CA LEU A 216 2.70 -8.88 -5.08
C LEU A 216 2.77 -9.94 -6.16
N THR A 217 2.65 -11.20 -5.79
CA THR A 217 2.57 -12.32 -6.75
C THR A 217 1.41 -13.24 -6.39
N SER A 218 0.59 -13.54 -7.37
CA SER A 218 -0.49 -14.49 -7.20
C SER A 218 -0.27 -15.64 -8.14
N THR A 219 -0.70 -16.82 -7.71
CA THR A 219 -0.74 -17.98 -8.57
C THR A 219 -1.87 -17.90 -9.61
N LYS A 220 -2.88 -17.08 -9.38
CA LYS A 220 -3.91 -16.81 -10.38
C LYS A 220 -3.47 -15.63 -11.22
N LYS A 221 -3.23 -15.89 -12.48
CA LYS A 221 -2.74 -14.86 -13.38
C LYS A 221 -3.22 -15.22 -14.75
N ASN A 222 -3.15 -14.29 -15.69
CA ASN A 222 -3.20 -14.63 -17.12
C ASN A 222 -1.94 -14.06 -17.74
N GLU A 223 -1.84 -14.21 -19.06
CA GLU A 223 -0.74 -13.66 -19.85
C GLU A 223 -0.23 -12.27 -19.43
N TYR A 224 -1.14 -11.38 -18.98
CA TYR A 224 -0.78 -9.98 -18.78
C TYR A 224 -0.53 -9.60 -17.33
N GLY A 225 -0.83 -10.48 -16.38
CA GLY A 225 -0.65 -10.14 -14.96
C GLY A 225 -1.54 -10.97 -14.08
N PRO A 226 -1.50 -10.72 -12.78
CA PRO A 226 -2.30 -11.48 -11.85
C PRO A 226 -3.78 -11.21 -12.01
N LEU A 227 -4.62 -12.20 -11.74
CA LEU A 227 -6.07 -11.96 -11.67
C LEU A 227 -6.44 -11.37 -10.32
N THR A 228 -5.68 -11.72 -9.29
CA THR A 228 -5.94 -11.20 -7.97
C THR A 228 -5.60 -9.71 -7.93
N PRO A 229 -6.54 -8.89 -7.45
CA PRO A 229 -6.22 -7.48 -7.33
C PRO A 229 -5.00 -7.26 -6.45
N THR A 230 -4.09 -6.41 -6.90
CA THR A 230 -2.83 -6.18 -6.20
C THR A 230 -2.93 -4.95 -5.29
N TYR A 231 -3.90 -5.01 -4.40
CA TYR A 231 -4.08 -4.04 -3.35
C TYR A 231 -4.12 -4.74 -1.98
N PHE A 232 -3.43 -4.17 -1.01
CA PHE A 232 -3.46 -4.67 0.37
C PHE A 232 -3.38 -3.50 1.34
N CYS A 233 -3.23 -3.79 2.62
CA CYS A 233 -3.19 -2.75 3.63
C CYS A 233 -2.02 -2.94 4.56
N LEU A 234 -1.53 -1.85 5.16
CA LEU A 234 -0.47 -1.94 6.14
C LEU A 234 -0.62 -0.92 7.26
N ASP A 235 0.07 -1.18 8.37
CA ASP A 235 -0.01 -0.34 9.55
C ASP A 235 1.19 -0.59 10.44
N GLY A 236 1.47 0.35 11.34
CA GLY A 236 2.36 0.06 12.45
C GLY A 236 3.84 -0.08 12.14
N ILE A 237 4.27 0.52 11.04
CA ILE A 237 5.67 0.51 10.69
C ILE A 237 6.51 0.99 11.88
N THR A 238 7.49 0.19 12.26
CA THR A 238 8.29 0.44 13.44
C THR A 238 9.72 0.42 13.00
N ILE A 239 10.37 1.54 13.18
CA ILE A 239 11.74 1.71 12.79
C ILE A 239 12.52 2.21 13.99
N GLU A 240 13.84 2.08 13.88
CA GLU A 240 14.71 2.30 15.00
C GLU A 240 16.03 2.85 14.48
N ASP A 241 16.60 3.85 15.15
CA ASP A 241 17.89 4.39 14.68
C ASP A 241 19.03 4.04 15.62
S SO4 B . 7.07 16.80 -6.73
O1 SO4 B . 8.49 16.94 -6.38
O2 SO4 B . 6.88 15.50 -7.43
O3 SO4 B . 6.32 16.83 -5.46
O4 SO4 B . 6.67 17.93 -7.61
S SO4 C . 18.16 -11.27 -4.66
O1 SO4 C . 18.26 -11.66 -3.24
O2 SO4 C . 19.42 -11.65 -5.33
O3 SO4 C . 17.00 -11.94 -5.28
O4 SO4 C . 18.05 -9.80 -4.79
S SO4 D . 12.95 5.60 -6.79
O1 SO4 D . 13.62 4.83 -5.73
O2 SO4 D . 13.01 4.78 -8.03
O3 SO4 D . 11.56 5.90 -6.29
O4 SO4 D . 13.69 6.87 -6.99
S SO4 E . 18.91 1.90 0.81
O1 SO4 E . 18.05 0.68 0.84
O2 SO4 E . 18.82 2.61 -0.50
O3 SO4 E . 18.56 2.92 1.84
O4 SO4 E . 20.30 1.38 1.04
#